data_6DA0
#
_entry.id   6DA0
#
_cell.length_a   202.480
_cell.length_b   202.480
_cell.length_c   68.790
_cell.angle_alpha   90.000
_cell.angle_beta   90.000
_cell.angle_gamma   90.000
#
_symmetry.space_group_name_H-M   'I 4 2 2'
#
loop_
_entity.id
_entity.type
_entity.pdbx_description
1 polymer Glucokinase
2 non-polymer beta-D-glucopyranose
3 non-polymer 'PHOSPHOAMINOPHOSPHONIC ACID-ADENYLATE ESTER'
4 water water
#
_entity_poly.entity_id   1
_entity_poly.type   'polypeptide(L)'
_entity_poly.pdbx_seq_one_letter_code
;MAHHHHHHMPERMISSSSRSSMSSSTSSEEPLVIDEDFINQVEKHYRKSLKNIPFQYIVGVDVGATNTRIAIQFIINEDQ
DDEVFMTKFPCNTSTHLANYLAAYGKAMVKAVGKGSAAGSIALAGPVTGDKVRITNYKEHDQEFFYSQLPDTLFPASKNT
FLNDLEASCYGIINVGTNNRLHEFFCPIDALNNYATSQTVRLSDTSEYAVLAMGTGLGTGLIVGSAGGKFNVIPLEAGHV
HIATPGVNSEHFKEERERIEFLSQKIYGGAYPIEYEDICSGRGLEFCYEFEIRNDPNAVRKTASQIAESYSTDTYARQAM
ITHYRYLMKAAQNIAVLIPTCRGVFFAGDNQVFNEDFFKEHLSILQKELFQTHQKKHWLTDLKPYRQMKEYNFNVKGCLQ
KARELAQLGSTTMVDEKPKAGLKDVLSVAIPTAFFSVLSFFTAKNLYEK
;
_entity_poly.pdbx_strand_id   A
#
# COMPACT_ATOMS: atom_id res chain seq x y z
N PRO A 31 -19.56 5.45 23.41
CA PRO A 31 -19.84 4.10 22.90
C PRO A 31 -18.74 3.60 21.97
N LEU A 32 -17.78 4.46 21.65
CA LEU A 32 -16.61 4.07 20.87
C LEU A 32 -15.53 3.57 21.83
N VAL A 33 -15.15 2.31 21.68
CA VAL A 33 -14.19 1.70 22.60
C VAL A 33 -12.78 2.15 22.22
N ILE A 34 -12.15 2.89 23.12
CA ILE A 34 -10.72 3.20 22.98
C ILE A 34 -9.92 1.96 23.37
N ASP A 35 -8.89 1.65 22.59
CA ASP A 35 -7.96 0.59 22.94
C ASP A 35 -7.33 0.88 24.31
N GLU A 36 -7.68 0.07 25.31
CA GLU A 36 -7.27 0.30 26.68
C GLU A 36 -5.77 0.12 26.86
N ASP A 37 -5.21 -0.96 26.31
CA ASP A 37 -3.77 -1.17 26.41
CA ASP A 37 -3.77 -1.17 26.39
C ASP A 37 -3.01 0.04 25.86
N PHE A 38 -3.43 0.53 24.69
CA PHE A 38 -2.77 1.68 24.06
C PHE A 38 -2.82 2.90 24.96
N ILE A 39 -3.99 3.21 25.50
CA ILE A 39 -4.13 4.44 26.25
C ILE A 39 -3.38 4.34 27.58
N ASN A 40 -3.42 3.16 28.24
CA ASN A 40 -2.68 2.98 29.49
C ASN A 40 -1.18 3.12 29.26
N GLN A 41 -0.68 2.62 28.12
CA GLN A 41 0.73 2.78 27.81
C GLN A 41 1.08 4.26 27.66
N VAL A 42 0.25 5.02 26.94
CA VAL A 42 0.49 6.45 26.74
C VAL A 42 0.46 7.17 28.08
N GLU A 43 -0.55 6.87 28.91
CA GLU A 43 -0.66 7.52 30.21
C GLU A 43 0.49 7.09 31.13
N LYS A 44 0.82 5.80 31.12
CA LYS A 44 1.95 5.35 31.94
C LYS A 44 3.23 6.06 31.52
N HIS A 45 3.43 6.22 30.20
CA HIS A 45 4.64 6.88 29.74
C HIS A 45 4.65 8.35 30.12
N TYR A 46 3.50 9.02 29.98
CA TYR A 46 3.39 10.41 30.42
C TYR A 46 3.72 10.53 31.90
N ARG A 47 3.15 9.64 32.71
CA ARG A 47 3.33 9.70 34.16
CA ARG A 47 3.33 9.71 34.15
C ARG A 47 4.80 9.51 34.54
N LYS A 48 5.46 8.53 33.93
CA LYS A 48 6.81 8.17 34.36
C LYS A 48 7.89 9.04 33.75
N SER A 49 7.65 9.64 32.57
CA SER A 49 8.74 10.26 31.82
C SER A 49 8.47 11.69 31.34
N LEU A 50 7.23 12.15 31.24
CA LEU A 50 6.97 13.38 30.53
C LEU A 50 6.39 14.50 31.38
N LYS A 51 6.11 14.24 32.66
CA LYS A 51 5.44 15.24 33.49
C LYS A 51 6.30 16.50 33.68
N ASN A 52 7.61 16.37 33.70
CA ASN A 52 8.47 17.51 34.03
C ASN A 52 9.49 17.82 32.95
N ILE A 53 9.27 17.40 31.70
CA ILE A 53 10.19 17.83 30.66
C ILE A 53 9.38 18.35 29.47
N PRO A 54 9.93 19.26 28.67
CA PRO A 54 9.22 19.68 27.45
C PRO A 54 9.06 18.49 26.52
N PHE A 55 7.89 18.38 25.92
CA PHE A 55 7.66 17.31 24.94
C PHE A 55 6.57 17.72 23.96
N GLN A 56 6.59 17.08 22.81
CA GLN A 56 5.52 17.15 21.82
CA GLN A 56 5.50 17.15 21.84
C GLN A 56 5.26 15.75 21.30
N TYR A 57 4.21 15.61 20.51
CA TYR A 57 4.02 14.34 19.80
C TYR A 57 3.46 14.65 18.41
N ILE A 58 3.78 13.78 17.46
CA ILE A 58 3.29 13.87 16.10
C ILE A 58 2.47 12.62 15.83
N VAL A 59 1.55 12.73 14.88
CA VAL A 59 0.55 11.69 14.64
C VAL A 59 0.68 11.18 13.22
N GLY A 60 0.66 9.85 13.07
CA GLY A 60 0.55 9.24 11.76
C GLY A 60 -0.63 8.29 11.70
N VAL A 61 -1.53 8.47 10.74
CA VAL A 61 -2.74 7.66 10.63
C VAL A 61 -2.76 6.97 9.28
N ASP A 62 -2.92 5.66 9.28
CA ASP A 62 -2.86 4.82 8.08
C ASP A 62 -4.25 4.21 7.89
N VAL A 63 -5.04 4.75 6.98
CA VAL A 63 -6.43 4.33 6.77
C VAL A 63 -6.45 3.33 5.62
N GLY A 64 -6.56 2.05 5.93
CA GLY A 64 -6.83 1.07 4.90
C GLY A 64 -8.33 0.89 4.69
N ALA A 65 -8.65 0.06 3.69
CA ALA A 65 -10.05 -0.15 3.35
C ALA A 65 -10.82 -0.87 4.46
N THR A 66 -10.13 -1.65 5.30
CA THR A 66 -10.83 -2.38 6.34
C THR A 66 -10.31 -2.08 7.74
N ASN A 67 -9.12 -1.51 7.88
CA ASN A 67 -8.56 -1.17 9.18
C ASN A 67 -7.82 0.16 9.10
N THR A 68 -7.80 0.88 10.22
CA THR A 68 -7.05 2.12 10.37
C THR A 68 -6.04 1.95 11.50
N ARG A 69 -4.81 2.40 11.27
CA ARG A 69 -3.75 2.38 12.28
C ARG A 69 -3.40 3.80 12.68
N ILE A 70 -3.25 4.04 13.98
CA ILE A 70 -2.85 5.34 14.51
CA ILE A 70 -2.82 5.34 14.46
C ILE A 70 -1.53 5.16 15.25
N ALA A 71 -0.53 5.96 14.90
CA ALA A 71 0.77 5.95 15.55
C ALA A 71 1.00 7.31 16.18
N ILE A 72 1.45 7.28 17.43
CA ILE A 72 1.78 8.49 18.20
C ILE A 72 3.28 8.44 18.46
N GLN A 73 4.00 9.43 17.97
CA GLN A 73 5.44 9.50 18.16
C GLN A 73 5.76 10.70 19.04
N PHE A 74 6.30 10.45 20.23
CA PHE A 74 6.68 11.54 21.12
C PHE A 74 8.03 12.08 20.73
N ILE A 75 8.22 13.39 20.98
CA ILE A 75 9.46 14.10 20.70
C ILE A 75 9.89 14.81 21.98
N ILE A 76 11.16 14.68 22.33
CA ILE A 76 11.74 15.43 23.44
C ILE A 76 13.03 16.07 22.93
N ASN A 77 13.63 16.92 23.77
CA ASN A 77 14.86 17.61 23.42
C ASN A 77 14.74 18.35 22.08
N GLU A 78 13.61 19.02 21.90
CA GLU A 78 13.30 19.82 20.71
C GLU A 78 13.01 18.98 19.47
N ASP A 79 13.88 18.00 19.13
CA ASP A 79 13.64 17.23 17.91
C ASP A 79 14.04 15.76 17.97
N GLN A 80 14.24 15.17 19.16
CA GLN A 80 14.65 13.78 19.26
C GLN A 80 13.43 12.86 19.39
N ASP A 81 13.40 11.82 18.54
CA ASP A 81 12.39 10.77 18.69
C ASP A 81 12.45 10.17 20.09
N ASP A 82 11.30 10.12 20.75
CA ASP A 82 11.12 9.42 22.00
C ASP A 82 10.37 8.12 21.69
N GLU A 83 9.39 7.74 22.51
CA GLU A 83 8.68 6.49 22.26
C GLU A 83 7.56 6.67 21.24
N VAL A 84 7.28 5.60 20.50
CA VAL A 84 6.14 5.53 19.60
C VAL A 84 5.14 4.50 20.13
N PHE A 85 3.85 4.83 20.04
CA PHE A 85 2.76 3.94 20.44
C PHE A 85 1.79 3.83 19.27
N MET A 86 1.21 2.64 19.10
CA MET A 86 0.32 2.39 17.97
C MET A 86 -0.88 1.58 18.41
N THR A 87 -2.00 1.81 17.71
CA THR A 87 -3.16 0.95 17.87
C THR A 87 -3.86 0.87 16.53
N LYS A 88 -4.89 0.03 16.45
CA LYS A 88 -5.61 -0.09 15.20
C LYS A 88 -7.03 -0.54 15.49
N PHE A 89 -7.96 -0.15 14.61
CA PHE A 89 -9.36 -0.49 14.80
C PHE A 89 -10.01 -0.80 13.46
N PRO A 90 -10.98 -1.70 13.44
CA PRO A 90 -11.73 -1.96 12.21
C PRO A 90 -12.54 -0.74 11.81
N CYS A 91 -12.53 -0.41 10.51
CA CYS A 91 -13.29 0.73 10.03
C CYS A 91 -13.48 0.64 8.52
N ASN A 92 -14.73 0.79 8.06
CA ASN A 92 -14.92 0.79 6.61
C ASN A 92 -15.96 1.82 6.15
N THR A 93 -16.22 2.86 6.95
CA THR A 93 -17.05 3.99 6.53
C THR A 93 -16.40 5.28 6.97
N SER A 94 -16.70 6.35 6.22
CA SER A 94 -16.13 7.65 6.53
C SER A 94 -16.65 8.18 7.86
N THR A 95 -17.94 7.99 8.15
CA THR A 95 -18.51 8.47 9.40
C THR A 95 -17.79 7.84 10.59
N HIS A 96 -17.59 6.52 10.56
CA HIS A 96 -16.97 5.83 11.68
C HIS A 96 -15.52 6.27 11.85
N LEU A 97 -14.83 6.48 10.73
CA LEU A 97 -13.46 6.97 10.77
C LEU A 97 -13.39 8.35 11.41
N ALA A 98 -14.29 9.25 11.02
CA ALA A 98 -14.31 10.57 11.63
C ALA A 98 -14.58 10.47 13.13
N ASN A 99 -15.52 9.62 13.54
CA ASN A 99 -15.84 9.51 14.97
C ASN A 99 -14.68 8.93 15.74
N TYR A 100 -13.99 7.94 15.18
CA TYR A 100 -12.88 7.32 15.90
C TYR A 100 -11.71 8.29 16.04
N LEU A 101 -11.44 9.07 15.00
CA LEU A 101 -10.36 10.05 15.08
C LEU A 101 -10.68 11.12 16.12
N ALA A 102 -11.94 11.57 16.17
CA ALA A 102 -12.32 12.54 17.20
C ALA A 102 -12.14 11.96 18.59
N ALA A 103 -12.57 10.71 18.80
CA ALA A 103 -12.43 10.08 20.10
C ALA A 103 -10.95 9.92 20.48
N TYR A 104 -10.10 9.50 19.53
CA TYR A 104 -8.69 9.33 19.89
C TYR A 104 -8.03 10.68 20.19
N GLY A 105 -8.44 11.73 19.48
CA GLY A 105 -7.93 13.05 19.80
C GLY A 105 -8.27 13.47 21.21
N LYS A 106 -9.50 13.22 21.65
CA LYS A 106 -9.88 13.61 23.01
C LYS A 106 -9.15 12.75 24.04
N ALA A 107 -8.95 11.46 23.75
CA ALA A 107 -8.25 10.63 24.72
C ALA A 107 -6.79 11.06 24.86
N MET A 108 -6.13 11.41 23.75
CA MET A 108 -4.75 11.87 23.79
C MET A 108 -4.63 13.14 24.64
N VAL A 109 -5.48 14.13 24.37
CA VAL A 109 -5.47 15.37 25.15
C VAL A 109 -5.68 15.07 26.62
N LYS A 110 -6.61 14.16 26.93
CA LYS A 110 -6.84 13.77 28.31
C LYS A 110 -5.63 13.05 28.90
N ALA A 111 -4.89 12.30 28.08
CA ALA A 111 -3.80 11.49 28.58
C ALA A 111 -2.53 12.31 28.82
N VAL A 112 -2.21 13.27 27.95
CA VAL A 112 -0.96 14.00 28.05
C VAL A 112 -1.15 15.51 28.12
N GLY A 113 -2.39 15.99 28.13
CA GLY A 113 -2.64 17.39 28.43
C GLY A 113 -2.70 18.34 27.24
N LYS A 114 -2.49 17.87 26.02
CA LYS A 114 -2.48 18.78 24.88
C LYS A 114 -2.58 17.99 23.57
N GLY A 115 -2.83 18.72 22.48
CA GLY A 115 -2.91 18.13 21.17
C GLY A 115 -1.54 17.88 20.58
N SER A 116 -1.55 17.27 19.40
CA SER A 116 -0.31 16.99 18.69
C SER A 116 0.32 18.26 18.14
N ALA A 117 1.60 18.18 17.82
CA ALA A 117 2.28 19.27 17.13
C ALA A 117 2.08 19.22 15.61
N ALA A 118 1.74 18.05 15.08
CA ALA A 118 1.54 17.87 13.64
C ALA A 118 0.95 16.47 13.43
N GLY A 119 0.26 16.31 12.32
CA GLY A 119 -0.33 15.02 11.99
C GLY A 119 -0.39 14.80 10.51
N SER A 120 -0.20 13.56 10.10
CA SER A 120 -0.32 13.16 8.71
CA SER A 120 -0.30 13.15 8.71
C SER A 120 -1.25 11.97 8.62
N ILE A 121 -2.13 11.98 7.62
CA ILE A 121 -3.05 10.87 7.42
C ILE A 121 -2.92 10.40 5.96
N ALA A 122 -2.90 9.08 5.78
CA ALA A 122 -2.79 8.45 4.48
C ALA A 122 -4.02 7.57 4.28
N LEU A 123 -4.68 7.73 3.13
CA LEU A 123 -5.96 7.05 2.88
C LEU A 123 -5.92 6.28 1.57
N ALA A 124 -6.64 5.15 1.56
CA ALA A 124 -6.67 4.24 0.41
C ALA A 124 -7.69 4.72 -0.62
N GLY A 125 -7.40 5.88 -1.19
CA GLY A 125 -8.15 6.40 -2.30
C GLY A 125 -7.47 7.59 -2.95
N PRO A 126 -8.01 8.06 -4.07
CA PRO A 126 -7.43 9.23 -4.74
C PRO A 126 -7.71 10.50 -3.94
N VAL A 127 -6.67 11.27 -3.70
CA VAL A 127 -6.82 12.55 -3.00
C VAL A 127 -7.03 13.63 -4.06
N THR A 128 -8.19 14.27 -4.00
CA THR A 128 -8.53 15.35 -4.93
C THR A 128 -8.88 16.56 -4.09
N GLY A 129 -7.90 17.44 -3.89
CA GLY A 129 -8.14 18.67 -3.16
C GLY A 129 -8.38 18.45 -1.67
N ASP A 130 -9.61 18.72 -1.23
CA ASP A 130 -9.95 18.64 0.19
C ASP A 130 -10.75 17.39 0.52
N LYS A 131 -10.78 16.40 -0.37
CA LYS A 131 -11.47 15.16 -0.05
C LYS A 131 -10.70 13.99 -0.62
N VAL A 132 -10.95 12.83 -0.02
CA VAL A 132 -10.57 11.55 -0.59
C VAL A 132 -11.82 10.70 -0.66
N ARG A 133 -11.99 9.97 -1.74
CA ARG A 133 -13.04 8.96 -1.84
CA ARG A 133 -13.03 8.96 -1.86
C ARG A 133 -12.35 7.61 -1.64
N ILE A 134 -12.57 7.01 -0.47
CA ILE A 134 -11.84 5.80 -0.10
C ILE A 134 -12.43 4.63 -0.88
N THR A 135 -11.71 4.18 -1.90
CA THR A 135 -12.31 3.43 -3.01
C THR A 135 -13.04 2.18 -2.52
N ASN A 136 -12.48 1.47 -1.55
CA ASN A 136 -13.08 0.22 -1.10
C ASN A 136 -13.72 0.30 0.27
N TYR A 137 -13.93 1.50 0.81
CA TYR A 137 -14.93 1.65 1.86
C TYR A 137 -16.31 1.33 1.31
N LYS A 138 -17.26 1.10 2.22
CA LYS A 138 -18.64 0.90 1.80
C LYS A 138 -19.09 2.08 0.94
N GLU A 139 -19.72 1.75 -0.20
CA GLU A 139 -19.94 2.74 -1.25
C GLU A 139 -20.89 3.85 -0.81
N HIS A 140 -21.78 3.57 0.14
CA HIS A 140 -22.68 4.64 0.60
C HIS A 140 -21.98 5.67 1.49
N ASP A 141 -20.76 5.42 1.93
CA ASP A 141 -20.15 6.37 2.86
C ASP A 141 -18.64 6.31 2.74
N GLN A 142 -18.10 6.66 1.58
CA GLN A 142 -16.65 6.55 1.37
C GLN A 142 -15.96 7.88 1.15
N GLU A 143 -16.67 9.01 1.24
CA GLU A 143 -16.04 10.31 1.07
C GLU A 143 -15.63 10.87 2.42
N PHE A 144 -14.35 11.15 2.55
CA PHE A 144 -13.78 11.70 3.77
C PHE A 144 -13.16 13.05 3.45
N PHE A 145 -13.55 14.08 4.19
CA PHE A 145 -13.15 15.44 3.89
C PHE A 145 -12.10 15.93 4.87
N TYR A 146 -11.26 16.82 4.37
CA TYR A 146 -10.22 17.46 5.17
C TYR A 146 -10.79 18.03 6.47
N SER A 147 -12.00 18.58 6.40
CA SER A 147 -12.63 19.19 7.57
C SER A 147 -13.04 18.19 8.64
N GLN A 148 -13.03 16.90 8.36
CA GLN A 148 -13.37 15.89 9.36
C GLN A 148 -12.17 15.49 10.21
N LEU A 149 -11.00 16.05 9.97
CA LEU A 149 -9.84 15.78 10.81
C LEU A 149 -9.94 16.54 12.13
N PRO A 150 -9.75 15.89 13.28
CA PRO A 150 -9.76 16.62 14.56
C PRO A 150 -8.48 17.44 14.71
N ASP A 151 -8.63 18.74 15.01
CA ASP A 151 -7.49 19.62 15.19
CA ASP A 151 -7.46 19.58 15.16
C ASP A 151 -6.60 19.15 16.34
N THR A 152 -7.15 18.33 17.26
CA THR A 152 -6.35 17.78 18.35
C THR A 152 -5.25 16.85 17.84
N LEU A 153 -5.48 16.18 16.71
CA LEU A 153 -4.44 15.34 16.12
C LEU A 153 -3.84 15.93 14.85
N PHE A 154 -4.55 16.83 14.17
CA PHE A 154 -4.11 17.41 12.90
C PHE A 154 -4.21 18.93 13.00
N PRO A 155 -3.31 19.56 13.77
CA PRO A 155 -3.42 21.01 13.98
C PRO A 155 -3.30 21.77 12.67
N ALA A 156 -4.04 22.88 12.57
CA ALA A 156 -4.14 23.62 11.32
C ALA A 156 -2.77 24.06 10.84
N SER A 157 -2.56 23.98 9.52
CA SER A 157 -1.32 24.32 8.83
C SER A 157 -0.17 23.38 9.17
N LYS A 158 -0.42 22.30 9.90
CA LYS A 158 0.61 21.36 10.32
C LYS A 158 0.19 19.93 10.00
N ASN A 159 -0.47 19.73 8.86
CA ASN A 159 -0.96 18.40 8.52
C ASN A 159 -0.83 18.16 7.02
N THR A 160 -0.85 16.87 6.64
CA THR A 160 -0.89 16.47 5.24
C THR A 160 -1.96 15.43 5.02
N PHE A 161 -2.60 15.52 3.84
CA PHE A 161 -3.63 14.61 3.35
C PHE A 161 -2.97 13.78 2.24
N LEU A 162 -2.69 12.50 2.51
CA LEU A 162 -1.92 11.68 1.57
C LEU A 162 -2.71 10.45 1.13
N ASN A 163 -2.34 9.93 -0.06
CA ASN A 163 -2.81 8.63 -0.51
C ASN A 163 -1.96 7.54 0.13
N ASP A 164 -2.55 6.35 0.33
CA ASP A 164 -1.86 5.32 1.11
C ASP A 164 -0.57 4.88 0.41
N LEU A 165 -0.65 4.62 -0.90
CA LEU A 165 0.57 4.19 -1.58
C LEU A 165 1.56 5.36 -1.72
N GLU A 166 1.05 6.58 -1.87
CA GLU A 166 1.93 7.74 -1.84
C GLU A 166 2.70 7.80 -0.52
N ALA A 167 2.03 7.52 0.59
CA ALA A 167 2.73 7.54 1.88
C ALA A 167 3.79 6.45 1.95
N SER A 168 3.47 5.25 1.43
CA SER A 168 4.48 4.21 1.44
CA SER A 168 4.47 4.18 1.38
C SER A 168 5.71 4.62 0.63
N CYS A 169 5.51 5.36 -0.46
CA CYS A 169 6.65 5.85 -1.23
C CYS A 169 7.55 6.76 -0.38
N TYR A 170 6.94 7.66 0.40
CA TYR A 170 7.74 8.48 1.30
C TYR A 170 8.43 7.63 2.34
N GLY A 171 7.79 6.55 2.80
CA GLY A 171 8.46 5.66 3.73
C GLY A 171 9.65 4.98 3.07
N ILE A 172 9.48 4.58 1.81
CA ILE A 172 10.55 3.91 1.07
C ILE A 172 11.72 4.87 0.83
N ILE A 173 11.42 6.08 0.38
CA ILE A 173 12.45 7.11 0.25
C ILE A 173 13.22 7.25 1.56
N ASN A 174 12.49 7.29 2.68
CA ASN A 174 13.15 7.56 3.95
C ASN A 174 14.04 6.41 4.38
N VAL A 175 13.57 5.17 4.22
CA VAL A 175 14.43 4.02 4.46
C VAL A 175 15.63 4.06 3.52
N GLY A 176 15.42 4.44 2.25
CA GLY A 176 16.54 4.57 1.33
C GLY A 176 17.58 5.57 1.81
N THR A 177 17.13 6.74 2.28
CA THR A 177 18.05 7.75 2.82
C THR A 177 18.88 7.18 3.96
N ASN A 178 18.27 6.36 4.79
CA ASN A 178 18.97 5.73 5.90
C ASN A 178 19.74 4.48 5.48
N ASN A 179 19.91 4.26 4.17
CA ASN A 179 20.76 3.18 3.66
C ASN A 179 20.26 1.81 4.12
N ARG A 180 18.94 1.61 4.09
CA ARG A 180 18.38 0.33 4.50
C ARG A 180 17.44 -0.26 3.46
N LEU A 181 17.37 0.33 2.27
CA LEU A 181 16.42 -0.16 1.27
C LEU A 181 16.69 -1.63 0.94
N HIS A 182 17.96 -2.03 0.86
CA HIS A 182 18.33 -3.40 0.55
C HIS A 182 18.06 -4.36 1.70
N GLU A 183 17.63 -3.87 2.86
CA GLU A 183 17.16 -4.73 3.93
C GLU A 183 15.69 -5.10 3.74
N PHE A 184 14.96 -4.35 2.92
CA PHE A 184 13.54 -4.63 2.72
C PHE A 184 13.19 -5.11 1.33
N PHE A 185 14.05 -4.87 0.33
CA PHE A 185 13.78 -5.25 -1.05
C PHE A 185 14.99 -5.95 -1.65
N CYS A 186 14.75 -6.93 -2.50
CA CYS A 186 15.82 -7.55 -3.29
C CYS A 186 15.37 -7.61 -4.74
N PRO A 187 16.32 -7.79 -5.67
CA PRO A 187 15.92 -8.03 -7.06
C PRO A 187 15.02 -9.25 -7.14
N ILE A 188 14.02 -9.20 -8.04
CA ILE A 188 13.02 -10.26 -8.01
C ILE A 188 13.65 -11.62 -8.25
N ASP A 189 14.82 -11.68 -8.90
CA ASP A 189 15.46 -12.94 -9.22
C ASP A 189 16.58 -13.32 -8.25
N ALA A 190 16.61 -12.74 -7.06
CA ALA A 190 17.62 -13.07 -6.06
C ALA A 190 17.24 -14.39 -5.39
N LEU A 191 17.85 -15.48 -5.84
CA LEU A 191 17.43 -16.81 -5.38
C LEU A 191 17.50 -16.93 -3.86
N ASN A 192 18.50 -16.31 -3.22
CA ASN A 192 18.65 -16.31 -1.77
C ASN A 192 18.37 -14.95 -1.14
N ASN A 193 17.56 -14.11 -1.77
CA ASN A 193 17.18 -12.79 -1.25
C ASN A 193 18.39 -11.89 -0.97
N TYR A 194 19.54 -12.17 -1.57
CA TYR A 194 20.70 -11.33 -1.32
C TYR A 194 20.56 -9.98 -2.00
N ALA A 195 20.84 -8.91 -1.24
CA ALA A 195 20.76 -7.56 -1.75
C ALA A 195 21.76 -6.69 -0.99
N THR A 196 22.29 -5.69 -1.68
CA THR A 196 23.26 -4.77 -1.10
C THR A 196 22.89 -3.33 -1.45
N SER A 197 23.54 -2.39 -0.76
CA SER A 197 23.37 -0.98 -1.07
C SER A 197 23.82 -0.64 -2.49
N GLN A 198 24.55 -1.52 -3.17
CA GLN A 198 24.87 -1.31 -4.57
C GLN A 198 23.78 -1.83 -5.51
N THR A 199 23.15 -2.95 -5.19
CA THR A 199 22.18 -3.55 -6.10
C THR A 199 20.74 -3.12 -5.84
N VAL A 200 20.44 -2.53 -4.69
CA VAL A 200 19.11 -2.04 -4.40
C VAL A 200 19.22 -0.67 -3.75
N ARG A 201 19.01 0.39 -4.54
CA ARG A 201 19.17 1.75 -4.06
C ARG A 201 18.28 2.65 -4.90
N LEU A 202 18.01 3.85 -4.37
CA LEU A 202 17.27 4.86 -5.12
C LEU A 202 18.27 5.88 -5.64
N SER A 203 18.33 6.05 -6.95
CA SER A 203 19.17 7.09 -7.54
C SER A 203 18.36 8.35 -7.70
N ASP A 204 18.95 9.49 -7.29
CA ASP A 204 18.20 10.74 -7.40
C ASP A 204 18.16 11.27 -8.82
N THR A 205 18.69 10.53 -9.81
CA THR A 205 18.50 10.85 -11.22
C THR A 205 17.63 9.82 -11.93
N SER A 206 16.86 9.01 -11.18
CA SER A 206 16.01 7.99 -11.78
C SER A 206 14.59 8.10 -11.23
N GLU A 207 13.69 7.34 -11.85
CA GLU A 207 12.32 7.23 -11.39
C GLU A 207 11.95 5.76 -11.22
N TYR A 208 11.03 5.50 -10.30
CA TYR A 208 10.67 4.14 -9.96
C TYR A 208 9.17 4.06 -9.78
N ALA A 209 8.56 3.00 -10.30
CA ALA A 209 7.18 2.69 -10.00
C ALA A 209 7.11 1.85 -8.75
N VAL A 210 6.06 2.06 -7.96
CA VAL A 210 5.79 1.25 -6.78
C VAL A 210 4.38 0.69 -6.92
N LEU A 211 4.23 -0.61 -6.72
CA LEU A 211 2.93 -1.25 -6.76
C LEU A 211 2.79 -2.15 -5.55
N ALA A 212 1.58 -2.22 -4.99
CA ALA A 212 1.33 -3.05 -3.82
C ALA A 212 -0.09 -3.60 -3.89
N MET A 213 -0.21 -4.93 -3.93
CA MET A 213 -1.49 -5.62 -4.01
C MET A 213 -1.98 -6.00 -2.62
N GLY A 214 -3.13 -5.47 -2.22
CA GLY A 214 -3.74 -5.88 -0.97
C GLY A 214 -5.24 -5.93 -1.16
N THR A 215 -5.99 -5.20 -0.35
CA THR A 215 -7.40 -5.05 -0.65
C THR A 215 -7.59 -4.38 -2.00
N GLY A 216 -6.71 -3.44 -2.34
CA GLY A 216 -6.70 -2.82 -3.66
C GLY A 216 -5.32 -2.94 -4.30
N LEU A 217 -5.23 -2.41 -5.51
CA LEU A 217 -3.94 -2.32 -6.19
C LEU A 217 -3.45 -0.88 -6.09
N GLY A 218 -2.47 -0.64 -5.22
CA GLY A 218 -1.88 0.67 -5.09
C GLY A 218 -0.73 0.83 -6.07
N THR A 219 -0.60 2.05 -6.59
CA THR A 219 0.43 2.34 -7.58
C THR A 219 0.89 3.77 -7.36
N GLY A 220 2.17 4.04 -7.67
CA GLY A 220 2.71 5.39 -7.56
C GLY A 220 4.08 5.47 -8.20
N LEU A 221 4.59 6.70 -8.28
CA LEU A 221 5.90 6.94 -8.87
C LEU A 221 6.78 7.68 -7.88
N ILE A 222 8.00 7.17 -7.69
CA ILE A 222 9.06 7.90 -7.00
C ILE A 222 9.92 8.56 -8.06
N VAL A 223 10.14 9.86 -7.92
CA VAL A 223 10.82 10.68 -8.92
C VAL A 223 12.02 11.36 -8.27
N GLY A 224 13.21 11.08 -8.78
CA GLY A 224 14.40 11.70 -8.25
C GLY A 224 14.61 13.11 -8.78
N SER A 225 15.26 13.93 -7.94
CA SER A 225 15.79 15.24 -8.33
C SER A 225 17.25 15.31 -7.88
N ALA A 226 18.13 15.75 -8.77
CA ALA A 226 19.52 15.98 -8.40
C ALA A 226 19.60 16.74 -7.08
N GLY A 227 20.49 16.30 -6.21
CA GLY A 227 20.57 16.86 -4.87
C GLY A 227 19.98 15.98 -3.79
N GLY A 228 19.61 14.74 -4.11
CA GLY A 228 19.10 13.83 -3.11
C GLY A 228 17.66 14.04 -2.73
N LYS A 229 16.92 14.91 -3.42
CA LYS A 229 15.50 15.09 -3.15
C LYS A 229 14.68 14.13 -4.01
N PHE A 230 13.62 13.59 -3.43
CA PHE A 230 12.69 12.71 -4.14
C PHE A 230 11.27 13.23 -3.99
N ASN A 231 10.53 13.26 -5.09
CA ASN A 231 9.10 13.52 -5.06
C ASN A 231 8.33 12.25 -5.35
N VAL A 232 7.04 12.26 -5.01
CA VAL A 232 6.14 11.14 -5.24
C VAL A 232 4.96 11.62 -6.07
N ILE A 233 4.62 10.86 -7.12
CA ILE A 233 3.46 11.15 -7.94
C ILE A 233 2.41 10.08 -7.65
N PRO A 234 1.28 10.44 -7.06
CA PRO A 234 0.22 9.45 -6.81
C PRO A 234 -0.40 9.00 -8.12
N LEU A 235 -0.73 7.71 -8.19
CA LEU A 235 -1.38 7.15 -9.37
C LEU A 235 -2.60 6.35 -8.96
N GLU A 236 -3.51 6.17 -9.93
CA GLU A 236 -4.62 5.24 -9.77
C GLU A 236 -4.60 4.21 -10.88
N ALA A 237 -3.40 3.73 -11.23
CA ALA A 237 -3.27 2.74 -12.30
C ALA A 237 -3.96 1.43 -11.97
N GLY A 238 -4.32 1.21 -10.71
CA GLY A 238 -5.09 0.02 -10.39
C GLY A 238 -6.48 0.02 -11.02
N HIS A 239 -6.93 1.18 -11.51
CA HIS A 239 -8.28 1.31 -12.03
C HIS A 239 -8.34 1.56 -13.53
N VAL A 240 -7.20 1.42 -14.23
CA VAL A 240 -7.28 1.41 -15.69
C VAL A 240 -7.71 0.02 -16.14
N HIS A 241 -8.29 -0.04 -17.33
CA HIS A 241 -8.85 -1.28 -17.85
C HIS A 241 -7.75 -2.22 -18.33
N ILE A 242 -7.99 -3.52 -18.17
CA ILE A 242 -7.06 -4.54 -18.64
C ILE A 242 -7.32 -4.81 -20.13
N ALA A 243 -6.26 -4.75 -20.92
CA ALA A 243 -6.38 -5.10 -22.33
C ALA A 243 -6.26 -6.61 -22.53
N THR A 244 -6.94 -7.10 -23.56
CA THR A 244 -6.83 -8.50 -23.92
C THR A 244 -5.57 -8.74 -24.75
N PRO A 245 -4.86 -9.86 -24.56
CA PRO A 245 -3.69 -10.18 -25.39
C PRO A 245 -4.02 -10.34 -26.87
N GLY A 246 -2.97 -10.47 -27.67
CA GLY A 246 -3.13 -10.59 -29.11
C GLY A 246 -3.83 -11.88 -29.51
N VAL A 247 -4.57 -11.81 -30.63
CA VAL A 247 -5.46 -12.90 -31.01
C VAL A 247 -4.73 -14.19 -31.38
N ASN A 248 -3.43 -14.15 -31.68
CA ASN A 248 -2.67 -15.37 -31.93
C ASN A 248 -1.63 -15.65 -30.85
N SER A 249 -1.71 -14.98 -29.70
CA SER A 249 -0.83 -15.27 -28.58
C SER A 249 -1.21 -16.60 -27.93
N GLU A 250 -0.25 -17.20 -27.22
CA GLU A 250 -0.36 -18.60 -26.83
C GLU A 250 -1.66 -18.93 -26.10
N HIS A 251 -2.03 -18.15 -25.10
CA HIS A 251 -3.22 -18.50 -24.33
C HIS A 251 -4.38 -17.55 -24.57
N PHE A 252 -4.48 -17.02 -25.80
CA PHE A 252 -5.45 -15.98 -26.11
C PHE A 252 -6.86 -16.37 -25.67
N LYS A 253 -7.30 -17.57 -26.04
CA LYS A 253 -8.68 -17.99 -25.79
C LYS A 253 -9.01 -17.92 -24.30
N GLU A 254 -8.14 -18.47 -23.48
CA GLU A 254 -8.39 -18.48 -22.04
C GLU A 254 -8.28 -17.07 -21.45
N GLU A 255 -7.29 -16.29 -21.88
CA GLU A 255 -7.15 -14.93 -21.34
C GLU A 255 -8.38 -14.10 -21.63
N ARG A 256 -8.85 -14.17 -22.88
CA ARG A 256 -10.04 -13.42 -23.24
C ARG A 256 -11.27 -13.95 -22.50
N GLU A 257 -11.38 -15.28 -22.40
CA GLU A 257 -12.52 -15.86 -21.68
CA GLU A 257 -12.54 -15.83 -21.70
C GLU A 257 -12.57 -15.37 -20.24
N ARG A 258 -11.40 -15.29 -19.59
CA ARG A 258 -11.38 -14.78 -18.22
C ARG A 258 -11.78 -13.30 -18.17
N ILE A 259 -11.27 -12.50 -19.11
CA ILE A 259 -11.57 -11.07 -19.10
C ILE A 259 -13.05 -10.82 -19.33
N GLU A 260 -13.69 -11.64 -20.16
CA GLU A 260 -15.13 -11.51 -20.37
C GLU A 260 -15.93 -12.12 -19.21
N PHE A 261 -15.51 -13.28 -18.72
CA PHE A 261 -16.15 -13.88 -17.54
C PHE A 261 -16.21 -12.87 -16.39
N LEU A 262 -15.11 -12.17 -16.14
CA LEU A 262 -15.06 -11.24 -15.01
C LEU A 262 -15.82 -9.95 -15.28
N SER A 263 -15.83 -9.46 -16.53
CA SER A 263 -16.75 -8.36 -16.88
C SER A 263 -18.19 -8.72 -16.53
N GLN A 264 -18.63 -9.90 -16.96
CA GLN A 264 -19.99 -10.36 -16.64
C GLN A 264 -20.20 -10.43 -15.13
N LYS A 265 -19.26 -11.06 -14.43
CA LYS A 265 -19.48 -11.35 -13.01
C LYS A 265 -19.45 -10.07 -12.16
N ILE A 266 -18.48 -9.19 -12.40
CA ILE A 266 -18.34 -8.05 -11.51
C ILE A 266 -19.30 -6.93 -11.91
N TYR A 267 -19.51 -6.70 -13.20
CA TYR A 267 -20.26 -5.53 -13.63
C TYR A 267 -21.52 -5.87 -14.40
N GLY A 268 -21.93 -7.15 -14.43
CA GLY A 268 -23.01 -7.50 -15.33
C GLY A 268 -22.68 -7.23 -16.78
N GLY A 269 -21.39 -7.15 -17.12
CA GLY A 269 -20.97 -6.82 -18.47
C GLY A 269 -21.15 -5.37 -18.87
N ALA A 270 -21.58 -4.48 -17.97
CA ALA A 270 -21.75 -3.08 -18.34
C ALA A 270 -20.40 -2.36 -18.49
N TYR A 271 -19.34 -2.91 -17.92
CA TYR A 271 -18.02 -2.32 -17.95
C TYR A 271 -16.99 -3.42 -18.09
N PRO A 272 -15.82 -3.12 -18.65
CA PRO A 272 -14.71 -4.08 -18.64
C PRO A 272 -13.94 -3.97 -17.33
N ILE A 273 -13.08 -4.96 -17.05
CA ILE A 273 -12.48 -5.05 -15.72
C ILE A 273 -11.27 -4.14 -15.60
N GLU A 274 -11.03 -3.67 -14.38
CA GLU A 274 -9.82 -2.92 -14.05
C GLU A 274 -8.74 -3.88 -13.57
N TYR A 275 -7.49 -3.40 -13.58
CA TYR A 275 -6.41 -4.21 -13.03
C TYR A 275 -6.73 -4.66 -11.61
N GLU A 276 -7.38 -3.81 -10.82
CA GLU A 276 -7.69 -4.19 -9.43
C GLU A 276 -8.68 -5.35 -9.35
N ASP A 277 -9.48 -5.57 -10.40
CA ASP A 277 -10.42 -6.69 -10.36
C ASP A 277 -9.73 -8.04 -10.45
N ILE A 278 -8.44 -8.08 -10.77
CA ILE A 278 -7.63 -9.28 -10.66
C ILE A 278 -6.56 -9.14 -9.58
N CYS A 279 -5.97 -7.95 -9.47
CA CYS A 279 -4.83 -7.69 -8.60
C CYS A 279 -5.28 -7.16 -7.24
N SER A 280 -5.98 -7.99 -6.50
CA SER A 280 -6.47 -7.62 -5.17
C SER A 280 -6.91 -8.89 -4.49
N GLY A 281 -7.25 -8.77 -3.21
CA GLY A 281 -7.81 -9.90 -2.48
C GLY A 281 -9.06 -10.45 -3.14
N ARG A 282 -10.05 -9.58 -3.38
CA ARG A 282 -11.25 -10.03 -4.04
C ARG A 282 -10.98 -10.49 -5.47
N GLY A 283 -9.97 -9.88 -6.11
CA GLY A 283 -9.60 -10.31 -7.45
C GLY A 283 -8.99 -11.70 -7.50
N LEU A 284 -8.21 -12.06 -6.48
CA LEU A 284 -7.68 -13.41 -6.41
C LEU A 284 -8.83 -14.39 -6.29
N GLU A 285 -9.84 -14.04 -5.50
CA GLU A 285 -11.01 -14.90 -5.35
C GLU A 285 -11.78 -15.02 -6.66
N PHE A 286 -11.93 -13.90 -7.38
CA PHE A 286 -12.58 -13.96 -8.69
C PHE A 286 -11.81 -14.89 -9.62
N CYS A 287 -10.48 -14.76 -9.63
CA CYS A 287 -9.67 -15.65 -10.47
C CYS A 287 -9.93 -17.12 -10.15
N TYR A 288 -9.98 -17.45 -8.86
CA TYR A 288 -10.22 -18.84 -8.49
C TYR A 288 -11.59 -19.29 -8.97
N GLU A 289 -12.60 -18.43 -8.84
CA GLU A 289 -13.93 -18.78 -9.33
C GLU A 289 -13.94 -19.02 -10.83
N PHE A 290 -13.13 -18.26 -11.59
CA PHE A 290 -12.98 -18.56 -13.01
C PHE A 290 -12.37 -19.93 -13.23
N GLU A 291 -11.31 -20.28 -12.48
CA GLU A 291 -10.63 -21.55 -12.70
C GLU A 291 -11.55 -22.73 -12.42
N ILE A 292 -12.44 -22.62 -11.42
CA ILE A 292 -13.28 -23.74 -11.03
C ILE A 292 -14.64 -23.73 -11.70
N ARG A 293 -14.91 -22.78 -12.60
CA ARG A 293 -16.26 -22.56 -13.09
C ARG A 293 -16.90 -23.82 -13.68
N ASN A 294 -16.11 -24.72 -14.27
CA ASN A 294 -16.68 -25.92 -14.90
C ASN A 294 -16.46 -27.17 -14.08
N ASP A 295 -16.03 -27.04 -12.83
CA ASP A 295 -15.87 -28.18 -11.95
C ASP A 295 -17.04 -28.21 -10.97
N PRO A 296 -18.02 -29.11 -11.15
CA PRO A 296 -19.20 -29.11 -10.26
C PRO A 296 -18.89 -29.47 -8.83
N ASN A 297 -17.70 -29.98 -8.55
CA ASN A 297 -17.35 -30.40 -7.21
C ASN A 297 -16.47 -29.41 -6.49
N ALA A 298 -15.95 -28.40 -7.20
CA ALA A 298 -15.12 -27.40 -6.57
C ALA A 298 -15.96 -26.44 -5.74
N VAL A 299 -15.32 -25.87 -4.73
CA VAL A 299 -15.93 -24.90 -3.82
C VAL A 299 -15.04 -23.66 -3.85
N ARG A 300 -15.65 -22.48 -3.84
CA ARG A 300 -14.87 -21.25 -3.86
C ARG A 300 -14.00 -21.14 -2.61
N LYS A 301 -12.94 -20.35 -2.71
CA LYS A 301 -12.03 -20.15 -1.59
C LYS A 301 -11.77 -18.67 -1.36
N THR A 302 -11.45 -18.32 -0.11
CA THR A 302 -11.04 -16.96 0.20
C THR A 302 -9.63 -16.72 -0.31
N ALA A 303 -9.28 -15.43 -0.41
CA ALA A 303 -7.94 -15.05 -0.85
C ALA A 303 -6.87 -15.73 -0.01
N SER A 304 -7.08 -15.78 1.31
CA SER A 304 -6.10 -16.41 2.21
CA SER A 304 -6.11 -16.41 2.21
C SER A 304 -5.96 -17.89 1.90
N GLN A 305 -7.09 -18.60 1.79
CA GLN A 305 -7.05 -20.04 1.51
C GLN A 305 -6.35 -20.32 0.18
N ILE A 306 -6.55 -19.45 -0.81
CA ILE A 306 -5.91 -19.65 -2.11
C ILE A 306 -4.40 -19.48 -1.99
N ALA A 307 -3.96 -18.42 -1.31
CA ALA A 307 -2.53 -18.19 -1.13
C ALA A 307 -1.86 -19.30 -0.34
N GLU A 308 -2.61 -19.98 0.53
CA GLU A 308 -2.02 -21.02 1.37
C GLU A 308 -2.03 -22.40 0.72
N SER A 309 -2.82 -22.62 -0.32
CA SER A 309 -3.04 -23.98 -0.77
C SER A 309 -2.69 -24.17 -2.25
N TYR A 310 -1.91 -23.26 -2.84
CA TYR A 310 -1.56 -23.39 -4.25
C TYR A 310 -0.70 -24.61 -4.51
N SER A 311 -0.01 -25.15 -3.49
CA SER A 311 0.82 -26.35 -3.65
C SER A 311 0.00 -27.60 -3.87
N THR A 312 -1.21 -27.66 -3.31
CA THR A 312 -2.02 -28.86 -3.36
C THR A 312 -3.30 -28.68 -4.14
N ASP A 313 -3.57 -27.48 -4.65
CA ASP A 313 -4.82 -27.19 -5.35
C ASP A 313 -4.43 -26.48 -6.65
N THR A 314 -4.47 -27.22 -7.76
CA THR A 314 -4.07 -26.67 -9.05
CA THR A 314 -4.06 -26.66 -9.04
C THR A 314 -4.90 -25.45 -9.43
N TYR A 315 -6.16 -25.39 -9.01
CA TYR A 315 -6.94 -24.20 -9.30
C TYR A 315 -6.36 -22.99 -8.57
N ALA A 316 -5.87 -23.20 -7.35
CA ALA A 316 -5.28 -22.11 -6.58
C ALA A 316 -3.95 -21.67 -7.19
N ARG A 317 -3.12 -22.62 -7.63
CA ARG A 317 -1.89 -22.27 -8.33
C ARG A 317 -2.20 -21.41 -9.55
N GLN A 318 -3.15 -21.84 -10.36
CA GLN A 318 -3.50 -21.08 -11.57
C GLN A 318 -4.06 -19.71 -11.21
N ALA A 319 -4.88 -19.62 -10.16
CA ALA A 319 -5.39 -18.31 -9.76
C ALA A 319 -4.25 -17.40 -9.29
N MET A 320 -3.34 -17.96 -8.49
CA MET A 320 -2.16 -17.21 -8.04
C MET A 320 -1.31 -16.75 -9.23
N ILE A 321 -1.10 -17.64 -10.22
CA ILE A 321 -0.34 -17.26 -11.40
C ILE A 321 -1.01 -16.10 -12.12
N THR A 322 -2.34 -16.15 -12.25
CA THR A 322 -3.05 -15.09 -12.95
C THR A 322 -2.92 -13.77 -12.20
N HIS A 323 -3.17 -13.82 -10.89
CA HIS A 323 -3.07 -12.70 -9.95
C HIS A 323 -1.72 -11.99 -10.09
N TYR A 324 -0.61 -12.75 -10.05
CA TYR A 324 0.70 -12.12 -10.17
C TYR A 324 1.08 -11.79 -11.60
N ARG A 325 0.62 -12.56 -12.60
CA ARG A 325 0.87 -12.17 -13.99
C ARG A 325 0.30 -10.78 -14.30
N TYR A 326 -0.92 -10.48 -13.82
CA TYR A 326 -1.46 -9.18 -14.15
C TYR A 326 -0.86 -8.08 -13.31
N LEU A 327 -0.30 -8.40 -12.13
CA LEU A 327 0.57 -7.43 -11.45
C LEU A 327 1.77 -7.07 -12.33
N MET A 328 2.40 -8.06 -12.97
CA MET A 328 3.49 -7.75 -13.91
C MET A 328 3.00 -6.88 -15.06
N LYS A 329 1.82 -7.19 -15.59
CA LYS A 329 1.26 -6.38 -16.69
CA LYS A 329 1.28 -6.37 -16.69
C LYS A 329 0.98 -4.95 -16.23
N ALA A 330 0.49 -4.78 -15.01
CA ALA A 330 0.27 -3.45 -14.47
C ALA A 330 1.57 -2.66 -14.39
N ALA A 331 2.65 -3.32 -13.93
CA ALA A 331 3.95 -2.67 -13.90
C ALA A 331 4.46 -2.39 -15.30
N GLN A 332 4.30 -3.35 -16.21
CA GLN A 332 4.67 -3.13 -17.60
C GLN A 332 3.92 -1.95 -18.19
N ASN A 333 2.63 -1.83 -17.88
CA ASN A 333 1.85 -0.71 -18.39
C ASN A 333 2.42 0.62 -17.91
N ILE A 334 2.81 0.71 -16.64
CA ILE A 334 3.40 1.93 -16.11
C ILE A 334 4.77 2.20 -16.74
N ALA A 335 5.56 1.15 -16.96
CA ALA A 335 6.90 1.35 -17.51
C ALA A 335 6.85 1.78 -18.98
N VAL A 336 5.81 1.38 -19.70
CA VAL A 336 5.63 1.87 -21.07
C VAL A 336 5.14 3.30 -21.05
N LEU A 337 4.18 3.58 -20.19
CA LEU A 337 3.63 4.91 -20.03
C LEU A 337 4.70 5.92 -19.59
N ILE A 338 5.59 5.54 -18.68
CA ILE A 338 6.57 6.48 -18.12
C ILE A 338 7.96 6.18 -18.66
N PRO A 339 8.42 6.89 -19.69
CA PRO A 339 9.66 6.48 -20.37
C PRO A 339 10.92 6.57 -19.51
N THR A 340 10.94 7.42 -18.47
CA THR A 340 12.08 7.49 -17.56
C THR A 340 11.97 6.54 -16.38
N CYS A 341 11.01 5.61 -16.39
CA CYS A 341 10.89 4.64 -15.31
C CYS A 341 12.00 3.59 -15.42
N ARG A 342 12.88 3.53 -14.41
CA ARG A 342 14.05 2.66 -14.46
C ARG A 342 13.92 1.41 -13.59
N GLY A 343 13.06 1.43 -12.59
CA GLY A 343 12.91 0.29 -11.71
C GLY A 343 11.48 0.21 -11.22
N VAL A 344 11.09 -0.96 -10.74
CA VAL A 344 9.76 -1.14 -10.17
C VAL A 344 9.90 -1.94 -8.89
N PHE A 345 9.20 -1.49 -7.84
CA PHE A 345 9.19 -2.15 -6.54
C PHE A 345 7.82 -2.77 -6.34
N PHE A 346 7.80 -4.09 -6.15
CA PHE A 346 6.58 -4.79 -5.77
C PHE A 346 6.58 -4.88 -4.25
N ALA A 347 5.68 -4.12 -3.62
CA ALA A 347 5.71 -3.84 -2.19
C ALA A 347 4.47 -4.40 -1.51
N GLY A 348 4.50 -4.35 -0.18
CA GLY A 348 3.34 -4.73 0.59
C GLY A 348 3.56 -6.02 1.35
N ASP A 349 2.83 -6.16 2.47
CA ASP A 349 2.93 -7.37 3.29
C ASP A 349 2.52 -8.61 2.50
N ASN A 350 1.51 -8.50 1.64
CA ASN A 350 1.09 -9.66 0.85
C ASN A 350 2.22 -10.13 -0.05
N GLN A 351 2.95 -9.19 -0.65
CA GLN A 351 4.11 -9.56 -1.46
C GLN A 351 5.10 -10.38 -0.64
N VAL A 352 5.37 -9.96 0.59
CA VAL A 352 6.26 -10.73 1.46
C VAL A 352 5.67 -12.10 1.76
N PHE A 353 4.36 -12.15 2.05
CA PHE A 353 3.75 -13.42 2.41
C PHE A 353 3.80 -14.41 1.25
N ASN A 354 3.66 -13.93 0.00
CA ASN A 354 3.61 -14.81 -1.15
C ASN A 354 4.98 -15.04 -1.80
N GLU A 355 6.07 -14.82 -1.06
CA GLU A 355 7.39 -14.84 -1.67
C GLU A 355 7.75 -16.23 -2.20
N ASP A 356 7.39 -17.29 -1.48
CA ASP A 356 7.66 -18.64 -1.98
C ASP A 356 6.97 -18.86 -3.33
N PHE A 357 5.67 -18.58 -3.40
CA PHE A 357 4.99 -18.71 -4.69
C PHE A 357 5.68 -17.85 -5.76
N PHE A 358 5.97 -16.59 -5.44
CA PHE A 358 6.58 -15.69 -6.42
C PHE A 358 7.88 -16.25 -6.95
N LYS A 359 8.78 -16.68 -6.05
CA LYS A 359 10.07 -17.23 -6.46
C LYS A 359 9.90 -18.51 -7.27
N GLU A 360 8.93 -19.35 -6.89
CA GLU A 360 8.73 -20.62 -7.61
C GLU A 360 8.24 -20.40 -9.04
N HIS A 361 7.55 -19.29 -9.30
CA HIS A 361 7.05 -18.98 -10.63
C HIS A 361 7.78 -17.79 -11.26
N LEU A 362 8.99 -17.51 -10.80
CA LEU A 362 9.75 -16.35 -11.26
C LEU A 362 9.81 -16.30 -12.78
N SER A 363 10.15 -17.42 -13.42
CA SER A 363 10.33 -17.44 -14.85
C SER A 363 9.06 -16.98 -15.58
N ILE A 364 7.90 -17.46 -15.14
CA ILE A 364 6.63 -17.06 -15.74
C ILE A 364 6.39 -15.57 -15.56
N LEU A 365 6.72 -15.04 -14.38
CA LEU A 365 6.42 -13.65 -14.10
C LEU A 365 7.40 -12.70 -14.83
N GLN A 366 8.67 -13.10 -14.97
CA GLN A 366 9.60 -12.28 -15.74
C GLN A 366 9.18 -12.22 -17.19
N LYS A 367 8.76 -13.35 -17.76
CA LYS A 367 8.33 -13.36 -19.14
C LYS A 367 7.12 -12.45 -19.34
N GLU A 368 6.16 -12.52 -18.41
CA GLU A 368 5.02 -11.63 -18.48
C GLU A 368 5.46 -10.17 -18.47
N LEU A 369 6.40 -9.82 -17.59
CA LEU A 369 6.82 -8.42 -17.47
C LEU A 369 7.55 -7.94 -18.73
N PHE A 370 8.51 -8.73 -19.21
CA PHE A 370 9.48 -8.25 -20.18
C PHE A 370 9.15 -8.58 -21.63
N GLN A 371 8.29 -9.57 -21.89
CA GLN A 371 8.12 -10.10 -23.23
C GLN A 371 6.78 -9.82 -23.89
N THR A 372 5.74 -9.52 -23.11
CA THR A 372 4.38 -9.51 -23.66
C THR A 372 3.92 -8.15 -24.16
N HIS A 373 4.83 -7.28 -24.59
CA HIS A 373 4.47 -5.98 -25.15
C HIS A 373 5.34 -5.76 -26.36
N GLN A 374 4.74 -5.23 -27.43
CA GLN A 374 5.53 -4.93 -28.61
C GLN A 374 6.60 -3.88 -28.33
N LYS A 375 6.48 -3.10 -27.24
CA LYS A 375 7.53 -2.16 -26.85
C LYS A 375 8.54 -2.76 -25.86
N LYS A 376 8.74 -4.09 -25.90
CA LYS A 376 9.64 -4.74 -24.95
C LYS A 376 11.06 -4.15 -24.98
N HIS A 377 11.51 -3.68 -26.14
CA HIS A 377 12.84 -3.10 -26.20
C HIS A 377 12.94 -1.80 -25.39
N TRP A 378 11.81 -1.20 -25.00
CA TRP A 378 11.83 -0.07 -24.06
C TRP A 378 12.02 -0.52 -22.63
N LEU A 379 11.77 -1.80 -22.34
CA LEU A 379 11.77 -2.32 -20.98
C LEU A 379 13.00 -3.15 -20.64
N THR A 380 13.93 -3.34 -21.59
CA THR A 380 15.00 -4.31 -21.38
CA THR A 380 15.00 -4.32 -21.38
C THR A 380 15.75 -4.07 -20.08
N ASP A 381 16.01 -2.80 -19.75
CA ASP A 381 16.82 -2.42 -18.62
C ASP A 381 16.02 -2.16 -17.35
N LEU A 382 14.70 -2.33 -17.39
CA LEU A 382 13.90 -2.15 -16.19
C LEU A 382 14.38 -3.09 -15.08
N LYS A 383 14.58 -2.55 -13.89
CA LYS A 383 15.04 -3.34 -12.75
C LYS A 383 13.88 -3.61 -11.80
N PRO A 384 13.39 -4.86 -11.66
CA PRO A 384 12.28 -5.10 -10.73
C PRO A 384 12.77 -5.61 -9.38
N TYR A 385 12.11 -5.19 -8.30
CA TYR A 385 12.48 -5.55 -6.93
C TYR A 385 11.24 -6.05 -6.22
N ARG A 386 11.43 -6.95 -5.26
CA ARG A 386 10.31 -7.45 -4.47
C ARG A 386 10.60 -7.24 -2.98
N GLN A 387 9.57 -6.85 -2.24
CA GLN A 387 9.73 -6.71 -0.81
C GLN A 387 9.91 -8.09 -0.17
N MET A 388 10.86 -8.17 0.77
CA MET A 388 11.27 -9.42 1.38
C MET A 388 11.25 -9.35 2.89
N LYS A 389 10.77 -8.25 3.46
CA LYS A 389 10.62 -8.10 4.90
C LYS A 389 9.42 -7.20 5.15
N GLU A 390 8.52 -7.62 6.05
CA GLU A 390 7.38 -6.78 6.39
C GLU A 390 7.84 -5.46 6.99
N TYR A 391 7.09 -4.40 6.70
CA TYR A 391 7.38 -3.08 7.23
C TYR A 391 6.23 -2.17 6.86
N ASN A 392 5.78 -1.33 7.80
CA ASN A 392 4.70 -0.40 7.50
C ASN A 392 5.30 0.90 6.98
N PHE A 393 5.60 0.90 5.68
CA PHE A 393 6.07 2.11 5.00
C PHE A 393 5.03 3.23 5.04
N ASN A 394 3.73 2.91 5.03
CA ASN A 394 2.70 3.96 5.12
C ASN A 394 2.89 4.80 6.38
N VAL A 395 2.86 4.14 7.55
CA VAL A 395 2.98 4.86 8.81
C VAL A 395 4.32 5.57 8.89
N LYS A 396 5.37 4.95 8.34
CA LYS A 396 6.68 5.59 8.34
C LYS A 396 6.65 6.88 7.53
N GLY A 397 6.12 6.81 6.30
CA GLY A 397 5.97 8.04 5.52
C GLY A 397 5.16 9.10 6.24
N CYS A 398 4.01 8.71 6.81
CA CYS A 398 3.19 9.66 7.55
C CYS A 398 3.98 10.35 8.65
N LEU A 399 4.66 9.57 9.50
CA LEU A 399 5.34 10.17 10.64
C LEU A 399 6.46 11.11 10.20
N GLN A 400 7.15 10.75 9.10
CA GLN A 400 8.21 11.63 8.61
C GLN A 400 7.64 12.93 8.07
N LYS A 401 6.52 12.84 7.34
CA LYS A 401 5.84 14.05 6.87
C LYS A 401 5.40 14.93 8.03
N ALA A 402 4.77 14.32 9.04
CA ALA A 402 4.40 15.06 10.24
C ALA A 402 5.62 15.66 10.92
N ARG A 403 6.74 14.92 10.92
CA ARG A 403 7.95 15.44 11.56
CA ARG A 403 7.93 15.46 11.56
C ARG A 403 8.42 16.71 10.86
N GLU A 404 8.39 16.72 9.52
CA GLU A 404 8.77 17.91 8.76
C GLU A 404 7.81 19.06 9.05
N LEU A 405 6.50 18.79 9.01
CA LEU A 405 5.52 19.84 9.31
C LEU A 405 5.73 20.42 10.69
N ALA A 406 6.10 19.58 11.67
CA ALA A 406 6.23 20.08 13.04
C ALA A 406 7.30 21.16 13.17
N GLN A 407 8.25 21.21 12.24
CA GLN A 407 9.33 22.21 12.24
C GLN A 407 9.99 22.28 13.61
N LEU A 408 10.55 21.14 14.02
CA LEU A 408 11.10 20.99 15.37
C LEU A 408 12.44 21.70 15.52
#